data_6B0G
#
_entry.id   6B0G
#
_cell.length_a   51.772
_cell.length_b   83.692
_cell.length_c   76.212
_cell.angle_alpha   90.00
_cell.angle_beta   93.65
_cell.angle_gamma   90.00
#
_symmetry.space_group_name_H-M   'P 1 21 1'
#
loop_
_entity.id
_entity.type
_entity.pdbx_description
1 polymer '1245 Antibody, Light Chain'
2 polymer '1245 Antibody, Heavy Chain'
3 polymer '25 kDa ookinete surface antigen'
4 non-polymer GLYCEROL
5 water water
#
loop_
_entity_poly.entity_id
_entity_poly.type
_entity_poly.pdbx_seq_one_letter_code
_entity_poly.pdbx_strand_id
1 'polypeptide(L)'
;DVVMTQSPLSLPVTLGQPASISCRSSQSLVYSDGNTYLSWFQQRPGQSPRRLIYKVSNRDSGVPDRFSGSGSGTDFTLKI
SRVEAEDVGVYYCMQDTHWPPTFGGGTKVEIKRTVAAPSVFIFPPSDEQLKSGTASVVCLLNNFYPREAKVQWKVDNALQ
SGNSQESVTEQDSKDSTYSLSSTLTLSKADYEKHKVYACEVTHQGLSSPVTKSFNRGEC
;
C
2 'polypeptide(L)'
;QVQLVQSGGEVKKPGASVKVSCKASGYTFTSYGISWVRQAPGQGLEWMGWISAYNGNRKYAQKVQGRVSMTIDTHTSTAN
MELRSLRSDDTAVYYCAKDRGDGDYRYYYYGMDVWGQGTTVTVSSASTKGPSVFPLAPSSKSTSGGTAALGCLVKDYFPE
PVTVSWNSGALTSGVHTFPAVLQSSGLYSLSSVVTVPSSSLGTQTYICNVNHKPSNTKVDKKVEPKSC
;
D
3 'polypeptide(L)'
;TGAKVTVDTVCKRGFLIQMSGHLECKCENDLVLVNEETCEEKVLKCDEKTVNKPCGDFSKCIKIDGNPVSYACKCNLGYD
MVNNVCIPNECKQVTCGNGKCILDTSNPVKTGVCSCNIGKVPNVQDQNKCSKDGETKCSLKCLKEQETCKAVDGIYKCDC
KDGFIIDQESSICTGTKHHHHHH
;
E
#
# COMPACT_ATOMS: atom_id res chain seq x y z
N ASP A 1 14.46 -0.02 13.15
CA ASP A 1 13.21 -0.32 12.50
C ASP A 1 13.28 -1.70 11.85
N VAL A 2 12.18 -2.42 11.89
CA VAL A 2 12.16 -3.75 11.28
C VAL A 2 12.10 -3.59 9.77
N VAL A 3 12.99 -4.25 9.07
CA VAL A 3 12.98 -4.26 7.62
C VAL A 3 12.18 -5.44 7.13
N MET A 4 11.21 -5.16 6.27
CA MET A 4 10.37 -6.17 5.63
C MET A 4 10.80 -6.27 4.17
N THR A 5 11.20 -7.45 3.74
CA THR A 5 11.71 -7.65 2.39
C THR A 5 10.76 -8.61 1.68
N GLN A 6 10.23 -8.20 0.56
CA GLN A 6 9.31 -9.04 -0.18
C GLN A 6 9.98 -9.59 -1.43
N SER A 7 9.49 -10.75 -1.89
CA SER A 7 10.00 -11.26 -3.17
C SER A 7 8.93 -12.10 -3.85
N PRO A 8 8.88 -12.09 -5.19
CA PRO A 8 9.69 -11.24 -6.05
C PRO A 8 9.17 -9.82 -6.07
N LEU A 9 9.86 -8.91 -6.76
CA LEU A 9 9.32 -7.56 -6.93
C LEU A 9 8.16 -7.57 -7.92
N SER A 10 8.29 -8.34 -9.00
CA SER A 10 7.28 -8.46 -10.03
C SER A 10 6.95 -9.94 -10.18
N LEU A 11 5.66 -10.26 -10.24
CA LEU A 11 5.17 -11.64 -10.25
C LEU A 11 4.23 -11.84 -11.42
N PRO A 12 4.71 -12.33 -12.55
CA PRO A 12 3.81 -12.65 -13.66
C PRO A 12 3.10 -13.96 -13.36
N VAL A 13 1.78 -13.98 -13.58
CA VAL A 13 0.95 -15.12 -13.22
C VAL A 13 0.10 -15.51 -14.41
N THR A 14 -0.36 -16.77 -14.42
CA THR A 14 -1.31 -17.23 -15.42
C THR A 14 -2.68 -17.32 -14.77
N LEU A 15 -3.68 -16.72 -15.40
CA LEU A 15 -5.02 -16.79 -14.84
C LEU A 15 -5.40 -18.25 -14.65
N GLY A 16 -5.85 -18.59 -13.44
CA GLY A 16 -6.19 -19.94 -13.08
C GLY A 16 -5.10 -20.72 -12.37
N GLN A 17 -3.87 -20.23 -12.39
CA GLN A 17 -2.77 -20.92 -11.77
C GLN A 17 -2.52 -20.33 -10.38
N PRO A 18 -1.94 -21.12 -9.47
CA PRO A 18 -1.56 -20.58 -8.16
C PRO A 18 -0.43 -19.58 -8.29
N ALA A 19 -0.32 -18.73 -7.27
CA ALA A 19 0.85 -17.87 -7.12
C ALA A 19 1.14 -17.72 -5.63
N SER A 20 2.36 -17.28 -5.31
CA SER A 20 2.73 -17.09 -3.90
C SER A 20 3.80 -16.00 -3.79
N ILE A 21 3.64 -15.15 -2.76
CA ILE A 21 4.50 -14.00 -2.49
C ILE A 21 5.18 -14.20 -1.14
N SER A 22 6.47 -13.88 -1.07
CA SER A 22 7.24 -14.07 0.15
C SER A 22 7.52 -12.74 0.86
N CYS A 23 7.53 -12.80 2.19
CA CYS A 23 7.81 -11.65 3.04
C CYS A 23 8.71 -12.12 4.17
N ARG A 24 9.87 -11.48 4.32
CA ARG A 24 10.83 -11.82 5.37
C ARG A 24 11.11 -10.59 6.21
N SER A 25 11.14 -10.74 7.52
CA SER A 25 11.42 -9.62 8.40
C SER A 25 12.86 -9.71 8.92
N SER A 26 13.43 -8.55 9.26
CA SER A 26 14.78 -8.55 9.79
C SER A 26 14.84 -8.97 11.25
N GLN A 27 13.69 -9.07 11.94
CA GLN A 27 13.71 -9.75 13.23
C GLN A 27 12.38 -10.43 13.46
N SER A 28 12.35 -11.28 14.49
CA SER A 28 11.18 -12.08 14.77
C SER A 28 9.97 -11.18 14.96
N LEU A 29 8.87 -11.60 14.39
CA LEU A 29 7.62 -10.87 14.57
C LEU A 29 6.78 -11.43 15.71
N VAL A 30 7.29 -12.38 16.48
CA VAL A 30 6.53 -12.91 17.62
C VAL A 30 6.66 -11.90 18.76
N TYR A 31 5.52 -11.41 19.23
CA TYR A 31 5.48 -10.35 20.23
C TYR A 31 5.61 -10.98 21.62
N SER A 32 5.71 -10.14 22.65
CA SER A 32 5.84 -10.65 24.01
C SER A 32 4.57 -11.34 24.51
N ASP A 33 3.44 -11.18 23.83
CA ASP A 33 2.21 -11.88 24.18
C ASP A 33 2.04 -13.18 23.40
N GLY A 34 3.05 -13.58 22.63
CA GLY A 34 2.99 -14.81 21.85
C GLY A 34 2.35 -14.65 20.48
N ASN A 35 1.77 -13.49 20.17
CA ASN A 35 1.13 -13.30 18.88
C ASN A 35 2.12 -12.71 17.88
N THR A 36 1.82 -12.94 16.60
CA THR A 36 2.64 -12.48 15.48
C THR A 36 1.80 -11.51 14.66
N TYR A 37 2.17 -10.24 14.68
CA TYR A 37 1.33 -9.19 14.11
C TYR A 37 1.83 -8.93 12.70
N LEU A 38 1.49 -9.84 11.80
CA LEU A 38 1.86 -9.70 10.38
C LEU A 38 0.60 -9.67 9.52
N SER A 39 0.49 -8.68 8.62
CA SER A 39 -0.71 -8.49 7.79
C SER A 39 -0.30 -8.40 6.32
N TRP A 40 -1.29 -8.63 5.45
CA TRP A 40 -1.14 -8.51 4.01
C TRP A 40 -2.22 -7.60 3.44
N PHE A 41 -1.82 -6.73 2.52
CA PHE A 41 -2.68 -5.74 1.88
C PHE A 41 -2.61 -5.91 0.37
N GLN A 42 -3.73 -5.65 -0.29
CA GLN A 42 -3.84 -5.64 -1.74
C GLN A 42 -4.14 -4.22 -2.18
N GLN A 43 -3.40 -3.73 -3.17
CA GLN A 43 -3.64 -2.38 -3.70
C GLN A 43 -3.84 -2.52 -5.20
N ARG A 44 -5.10 -2.53 -5.63
CA ARG A 44 -5.40 -2.59 -7.05
C ARG A 44 -5.08 -1.26 -7.70
N PRO A 45 -4.86 -1.25 -9.03
CA PRO A 45 -4.39 -0.02 -9.70
C PRO A 45 -5.32 1.15 -9.44
N GLY A 46 -4.75 2.25 -8.97
CA GLY A 46 -5.51 3.45 -8.73
C GLY A 46 -6.36 3.46 -7.48
N GLN A 47 -6.25 2.45 -6.61
CA GLN A 47 -7.09 2.40 -5.42
C GLN A 47 -6.26 2.45 -4.13
N SER A 48 -6.99 2.55 -3.02
CA SER A 48 -6.42 2.41 -1.69
C SER A 48 -6.04 0.97 -1.39
N PRO A 49 -5.09 0.77 -0.49
CA PRO A 49 -4.84 -0.57 0.03
C PRO A 49 -6.06 -1.14 0.72
N ARG A 50 -6.16 -2.45 0.69
CA ARG A 50 -7.23 -3.20 1.31
C ARG A 50 -6.55 -4.33 2.06
N ARG A 51 -6.92 -4.53 3.33
CA ARG A 51 -6.33 -5.62 4.08
C ARG A 51 -6.95 -6.94 3.64
N LEU A 52 -6.08 -7.92 3.42
CA LEU A 52 -6.55 -9.27 3.09
C LEU A 52 -6.41 -10.25 4.24
N ILE A 53 -5.30 -10.14 4.97
CA ILE A 53 -4.93 -11.11 5.98
C ILE A 53 -4.45 -10.32 7.18
N TYR A 54 -4.71 -10.84 8.38
CA TYR A 54 -4.11 -10.28 9.59
C TYR A 54 -3.70 -11.42 10.50
N LYS A 55 -2.79 -11.12 11.42
CA LYS A 55 -2.29 -12.12 12.37
C LYS A 55 -1.81 -13.37 11.62
N VAL A 56 -1.08 -13.14 10.52
CA VAL A 56 -0.39 -14.16 9.70
C VAL A 56 -1.32 -14.87 8.73
N SER A 57 -2.43 -15.38 9.23
CA SER A 57 -3.21 -16.35 8.47
C SER A 57 -4.71 -16.12 8.51
N ASN A 58 -5.21 -15.10 9.21
CA ASN A 58 -6.64 -14.85 9.30
C ASN A 58 -7.10 -13.98 8.15
N ARG A 59 -8.11 -14.48 7.42
CA ARG A 59 -8.68 -13.77 6.28
C ARG A 59 -9.70 -12.74 6.73
N ASP A 60 -9.61 -11.54 6.19
CA ASP A 60 -10.65 -10.55 6.47
C ASP A 60 -11.96 -10.96 5.84
N SER A 61 -13.06 -10.49 6.44
CA SER A 61 -14.38 -10.69 5.86
C SER A 61 -14.42 -10.17 4.44
N GLY A 62 -15.10 -10.90 3.57
CA GLY A 62 -15.22 -10.50 2.18
C GLY A 62 -14.02 -10.83 1.32
N VAL A 63 -13.00 -11.47 1.89
CA VAL A 63 -11.82 -11.85 1.10
C VAL A 63 -12.07 -13.28 0.60
N PRO A 64 -11.86 -13.55 -0.69
CA PRO A 64 -12.11 -14.90 -1.20
C PRO A 64 -11.19 -15.93 -0.59
N ASP A 65 -11.71 -17.17 -0.49
CA ASP A 65 -10.98 -18.31 0.03
C ASP A 65 -9.66 -18.56 -0.70
N ARG A 66 -9.52 -18.10 -1.94
CA ARG A 66 -8.31 -18.43 -2.68
C ARG A 66 -7.09 -17.71 -2.10
N PHE A 67 -7.27 -16.69 -1.26
CA PHE A 67 -6.17 -16.03 -0.57
C PHE A 67 -5.92 -16.74 0.76
N SER A 68 -4.65 -17.04 1.05
CA SER A 68 -4.30 -17.52 2.39
C SER A 68 -2.90 -17.06 2.78
N GLY A 69 -2.66 -16.98 4.08
CA GLY A 69 -1.37 -16.55 4.57
C GLY A 69 -0.83 -17.57 5.54
N SER A 70 0.50 -17.68 5.56
CA SER A 70 1.14 -18.68 6.40
C SER A 70 2.52 -18.15 6.81
N GLY A 71 3.23 -18.93 7.63
CA GLY A 71 4.56 -18.56 8.04
C GLY A 71 4.65 -18.38 9.54
N SER A 72 5.87 -18.06 9.98
CA SER A 72 6.13 -17.87 11.40
C SER A 72 7.50 -17.26 11.54
N GLY A 73 7.72 -16.57 12.66
CA GLY A 73 9.01 -16.03 13.03
C GLY A 73 9.38 -14.85 12.17
N THR A 74 10.20 -15.11 11.15
CA THR A 74 10.67 -14.08 10.24
C THR A 74 10.28 -14.34 8.79
N ASP A 75 9.47 -15.38 8.53
CA ASP A 75 9.27 -15.87 7.17
C ASP A 75 7.79 -16.14 6.94
N PHE A 76 7.21 -15.43 5.95
CA PHE A 76 5.78 -15.41 5.72
C PHE A 76 5.48 -15.52 4.23
N THR A 77 4.30 -16.04 3.92
CA THR A 77 3.89 -16.30 2.55
C THR A 77 2.42 -15.96 2.36
N LEU A 78 2.12 -15.21 1.30
CA LEU A 78 0.75 -15.04 0.84
C LEU A 78 0.55 -15.91 -0.41
N LYS A 79 -0.46 -16.78 -0.38
CA LYS A 79 -0.71 -17.68 -1.49
C LYS A 79 -2.06 -17.37 -2.12
N ILE A 80 -2.10 -17.38 -3.44
CA ILE A 80 -3.34 -17.27 -4.18
C ILE A 80 -3.52 -18.59 -4.91
N SER A 81 -4.63 -19.28 -4.63
CA SER A 81 -4.72 -20.66 -5.09
C SER A 81 -5.03 -20.74 -6.59
N ARG A 82 -5.79 -19.79 -7.12
CA ARG A 82 -6.10 -19.70 -8.55
C ARG A 82 -6.21 -18.21 -8.84
N VAL A 83 -5.27 -17.65 -9.60
CA VAL A 83 -5.29 -16.20 -9.78
C VAL A 83 -6.44 -15.84 -10.71
N GLU A 84 -7.16 -14.79 -10.35
CA GLU A 84 -8.20 -14.20 -11.18
C GLU A 84 -7.72 -12.85 -11.70
N ALA A 85 -8.34 -12.40 -12.79
CA ALA A 85 -7.90 -11.15 -13.42
C ALA A 85 -7.92 -9.99 -12.42
N GLU A 86 -8.95 -9.93 -11.58
CA GLU A 86 -9.05 -8.87 -10.59
C GLU A 86 -7.94 -8.90 -9.55
N ASP A 87 -7.07 -9.90 -9.53
CA ASP A 87 -6.04 -9.93 -8.51
C ASP A 87 -4.78 -9.17 -8.92
N VAL A 88 -4.72 -8.62 -10.14
CA VAL A 88 -3.55 -7.86 -10.50
C VAL A 88 -3.52 -6.60 -9.66
N GLY A 89 -2.33 -6.20 -9.28
CA GLY A 89 -2.16 -5.08 -8.37
C GLY A 89 -0.90 -5.31 -7.58
N VAL A 90 -0.73 -4.53 -6.52
CA VAL A 90 0.46 -4.61 -5.69
C VAL A 90 0.06 -5.08 -4.30
N TYR A 91 0.83 -6.04 -3.79
CA TYR A 91 0.59 -6.64 -2.48
C TYR A 91 1.72 -6.23 -1.53
N TYR A 92 1.34 -5.87 -0.31
CA TYR A 92 2.26 -5.41 0.71
C TYR A 92 2.07 -6.25 1.97
N CYS A 93 3.17 -6.68 2.58
CA CYS A 93 3.07 -7.13 3.95
C CYS A 93 3.38 -5.97 4.90
N MET A 94 2.97 -6.14 6.16
CA MET A 94 3.15 -5.12 7.18
C MET A 94 3.30 -5.80 8.54
N GLN A 95 4.31 -5.40 9.30
CA GLN A 95 4.45 -5.84 10.68
C GLN A 95 4.08 -4.70 11.61
N ASP A 96 3.35 -5.01 12.67
CA ASP A 96 3.26 -4.04 13.76
C ASP A 96 3.56 -4.69 15.09
N THR A 97 4.41 -5.71 15.09
CA THR A 97 4.91 -6.24 16.35
C THR A 97 5.83 -5.25 17.02
N HIS A 98 6.65 -4.57 16.24
CA HIS A 98 7.67 -3.66 16.74
C HIS A 98 7.37 -2.26 16.23
N TRP A 99 7.51 -1.29 17.09
CA TRP A 99 7.26 0.07 16.67
C TRP A 99 8.51 0.65 16.02
N PRO A 100 8.37 1.36 14.90
CA PRO A 100 7.13 1.68 14.17
C PRO A 100 6.66 0.54 13.26
N PRO A 101 5.33 0.47 12.99
CA PRO A 101 4.85 -0.43 11.95
C PRO A 101 5.62 -0.17 10.66
N THR A 102 6.00 -1.22 9.97
CA THR A 102 6.72 -1.08 8.70
C THR A 102 6.14 -2.01 7.65
N PHE A 103 6.26 -1.58 6.41
CA PHE A 103 5.71 -2.28 5.26
C PHE A 103 6.84 -2.90 4.46
N GLY A 104 6.54 -4.02 3.79
CA GLY A 104 7.40 -4.52 2.75
C GLY A 104 7.37 -3.59 1.54
N GLY A 105 8.31 -3.78 0.63
CA GLY A 105 8.38 -2.88 -0.51
C GLY A 105 7.36 -3.14 -1.59
N GLY A 106 6.58 -4.22 -1.49
CA GLY A 106 5.53 -4.47 -2.45
C GLY A 106 5.91 -5.51 -3.50
N THR A 107 4.90 -6.24 -3.96
CA THR A 107 5.01 -7.19 -5.06
C THR A 107 3.92 -6.92 -6.07
N LYS A 108 4.29 -6.66 -7.33
CA LYS A 108 3.32 -6.39 -8.37
C LYS A 108 2.97 -7.69 -9.10
N VAL A 109 1.72 -8.10 -9.01
CA VAL A 109 1.21 -9.24 -9.76
C VAL A 109 0.79 -8.71 -11.12
N GLU A 110 1.29 -9.33 -12.18
CA GLU A 110 0.96 -8.91 -13.56
C GLU A 110 0.61 -10.17 -14.36
N ILE A 111 0.06 -9.99 -15.56
CA ILE A 111 -0.32 -11.13 -16.41
C ILE A 111 0.90 -11.63 -17.16
N LYS A 112 1.15 -12.92 -17.07
CA LYS A 112 2.24 -13.52 -17.83
C LYS A 112 1.80 -13.73 -19.27
N ARG A 113 2.71 -13.47 -20.20
CA ARG A 113 2.48 -13.74 -21.61
C ARG A 113 3.82 -14.11 -22.24
N THR A 114 3.82 -14.40 -23.54
CA THR A 114 5.07 -14.71 -24.23
C THR A 114 5.94 -13.47 -24.43
N VAL A 115 7.24 -13.71 -24.54
CA VAL A 115 8.18 -12.60 -24.75
C VAL A 115 7.81 -11.93 -26.05
N ALA A 116 7.86 -10.60 -26.08
CA ALA A 116 7.57 -9.82 -27.29
C ALA A 116 8.58 -8.70 -27.38
N ALA A 117 9.28 -8.63 -28.52
CA ALA A 117 10.26 -7.60 -28.77
C ALA A 117 9.59 -6.24 -28.93
N PRO A 118 10.24 -5.18 -28.48
CA PRO A 118 9.72 -3.84 -28.76
C PRO A 118 9.91 -3.47 -30.22
N SER A 119 8.93 -2.74 -30.76
CA SER A 119 9.12 -1.96 -31.97
C SER A 119 9.65 -0.60 -31.56
N VAL A 120 10.78 -0.20 -32.13
CA VAL A 120 11.50 1.01 -31.70
C VAL A 120 11.36 2.09 -32.76
N PHE A 121 10.92 3.28 -32.34
CA PHE A 121 10.69 4.43 -33.22
C PHE A 121 11.39 5.64 -32.62
N ILE A 122 11.91 6.54 -33.45
CA ILE A 122 12.53 7.73 -32.90
C ILE A 122 11.94 8.96 -33.58
N PHE A 123 11.79 10.04 -32.81
CA PHE A 123 11.17 11.28 -33.29
C PHE A 123 12.13 12.43 -33.02
N PRO A 124 12.65 13.10 -34.03
CA PRO A 124 13.46 14.32 -33.79
C PRO A 124 12.60 15.40 -33.16
N PRO A 125 13.20 16.45 -32.59
CA PRO A 125 12.37 17.54 -32.10
C PRO A 125 11.63 18.21 -33.26
N SER A 126 10.44 18.72 -32.97
CA SER A 126 9.65 19.41 -33.96
C SER A 126 10.23 20.78 -34.24
N ASP A 127 9.94 21.30 -35.44
CA ASP A 127 10.37 22.67 -35.73
C ASP A 127 9.70 23.68 -34.79
N GLU A 128 8.44 23.41 -34.41
CA GLU A 128 7.76 24.29 -33.46
C GLU A 128 8.53 24.41 -32.16
N GLN A 129 8.96 23.29 -31.58
CA GLN A 129 9.72 23.33 -30.34
C GLN A 129 11.04 24.06 -30.54
N LEU A 130 11.77 23.70 -31.59
CA LEU A 130 13.05 24.35 -31.88
C LEU A 130 12.89 25.87 -31.96
N LYS A 131 11.76 26.35 -32.46
CA LYS A 131 11.48 27.79 -32.47
C LYS A 131 11.61 28.41 -31.08
N SER A 132 11.53 27.61 -30.01
CA SER A 132 11.45 28.12 -28.65
C SER A 132 12.70 27.90 -27.80
N GLY A 133 13.78 27.35 -28.36
CA GLY A 133 15.03 27.27 -27.62
C GLY A 133 15.33 25.94 -26.93
N THR A 134 14.46 24.95 -27.07
CA THR A 134 14.67 23.64 -26.45
C THR A 134 14.43 22.58 -27.50
N ALA A 135 15.12 21.44 -27.36
CA ALA A 135 15.00 20.34 -28.31
C ALA A 135 14.75 19.06 -27.53
N SER A 136 13.61 18.43 -27.76
CA SER A 136 13.34 17.13 -27.15
C SER A 136 13.35 16.06 -28.23
N VAL A 137 14.09 14.99 -27.99
CA VAL A 137 14.15 13.83 -28.88
C VAL A 137 13.47 12.69 -28.16
N VAL A 138 12.54 12.02 -28.83
CA VAL A 138 11.74 11.00 -28.17
C VAL A 138 11.98 9.67 -28.82
N CYS A 139 12.24 8.66 -27.99
CA CYS A 139 12.41 7.27 -28.41
C CYS A 139 11.25 6.45 -27.84
N LEU A 140 10.54 5.73 -28.71
CA LEU A 140 9.38 4.92 -28.32
C LEU A 140 9.74 3.46 -28.49
N LEU A 141 9.51 2.67 -27.44
CA LEU A 141 9.55 1.22 -27.47
C LEU A 141 8.11 0.78 -27.34
N ASN A 142 7.56 0.14 -28.35
CA ASN A 142 6.14 -0.18 -28.35
C ASN A 142 5.88 -1.67 -28.19
N ASN A 143 4.94 -1.99 -27.28
CA ASN A 143 4.28 -3.29 -27.16
C ASN A 143 5.29 -4.43 -26.99
N PHE A 144 5.94 -4.43 -25.84
CA PHE A 144 6.95 -5.44 -25.55
C PHE A 144 6.60 -6.17 -24.26
N TYR A 145 7.27 -7.31 -24.06
CA TYR A 145 7.12 -8.04 -22.80
C TYR A 145 8.38 -8.89 -22.61
N PRO A 146 8.97 -8.94 -21.43
CA PRO A 146 8.59 -8.42 -20.10
C PRO A 146 8.83 -6.91 -20.04
N ARG A 147 8.50 -6.35 -18.89
CA ARG A 147 8.47 -4.90 -18.70
C ARG A 147 9.88 -4.29 -18.73
N GLU A 148 10.88 -5.04 -18.34
CA GLU A 148 12.22 -4.48 -18.19
C GLU A 148 12.91 -4.29 -19.56
N ALA A 149 13.45 -3.08 -19.79
CA ALA A 149 14.21 -2.77 -20.99
C ALA A 149 15.24 -1.71 -20.64
N LYS A 150 16.38 -1.77 -21.31
CA LYS A 150 17.47 -0.81 -21.12
C LYS A 150 17.51 0.09 -22.36
N VAL A 151 17.60 1.39 -22.15
CA VAL A 151 17.64 2.39 -23.22
C VAL A 151 18.80 3.32 -22.95
N GLN A 152 19.62 3.56 -23.97
CA GLN A 152 20.74 4.48 -23.89
C GLN A 152 20.73 5.42 -25.08
N TRP A 153 20.93 6.71 -24.80
CA TRP A 153 21.04 7.72 -25.85
C TRP A 153 22.50 7.95 -26.19
N LYS A 154 22.79 8.03 -27.47
CA LYS A 154 24.12 8.40 -27.94
C LYS A 154 23.96 9.55 -28.92
N VAL A 155 24.75 10.59 -28.73
CA VAL A 155 24.79 11.73 -29.61
C VAL A 155 26.20 11.74 -30.19
N ASP A 156 26.30 11.58 -31.51
CA ASP A 156 27.60 11.48 -32.18
C ASP A 156 28.51 10.46 -31.47
N ASN A 157 27.95 9.27 -31.20
CA ASN A 157 28.59 8.12 -30.56
C ASN A 157 28.95 8.37 -29.10
N ALA A 158 28.56 9.50 -28.51
CA ALA A 158 28.87 9.81 -27.12
C ALA A 158 27.67 9.45 -26.25
N LEU A 159 27.90 8.62 -25.24
CA LEU A 159 26.81 8.19 -24.37
C LEU A 159 26.30 9.35 -23.52
N GLN A 160 24.99 9.55 -23.51
CA GLN A 160 24.38 10.62 -22.75
C GLN A 160 24.06 10.14 -21.33
N SER A 161 24.19 11.06 -20.37
CA SER A 161 23.80 10.75 -19.00
C SER A 161 23.20 11.99 -18.37
N GLY A 162 22.12 11.78 -17.60
CA GLY A 162 21.53 12.85 -16.82
C GLY A 162 20.65 13.81 -17.59
N ASN A 163 20.41 13.58 -18.88
CA ASN A 163 19.58 14.50 -19.66
C ASN A 163 18.44 13.78 -20.34
N SER A 164 18.06 12.58 -19.87
CA SER A 164 16.89 11.89 -20.37
C SER A 164 16.05 11.36 -19.21
N GLN A 165 14.79 11.11 -19.51
CA GLN A 165 13.86 10.56 -18.53
C GLN A 165 12.98 9.60 -19.26
N GLU A 166 12.44 8.62 -18.53
CA GLU A 166 11.60 7.64 -19.22
C GLU A 166 10.39 7.31 -18.38
N SER A 167 9.37 6.77 -19.04
CA SER A 167 8.19 6.33 -18.32
C SER A 167 7.55 5.19 -19.10
N VAL A 168 6.86 4.32 -18.36
CA VAL A 168 6.41 3.04 -18.89
C VAL A 168 4.92 2.95 -18.61
N THR A 169 4.14 2.48 -19.59
CA THR A 169 2.71 2.31 -19.35
C THR A 169 2.44 1.15 -18.41
N GLU A 170 1.22 1.13 -17.88
CA GLU A 170 0.76 -0.07 -17.21
C GLU A 170 0.55 -1.16 -18.25
N GLN A 171 0.51 -2.40 -17.77
CA GLN A 171 0.35 -3.52 -18.66
C GLN A 171 -0.98 -3.42 -19.39
N ASP A 172 -0.93 -3.58 -20.71
CA ASP A 172 -2.13 -3.39 -21.53
C ASP A 172 -3.20 -4.44 -21.22
N SER A 173 -4.46 -4.02 -21.21
CA SER A 173 -5.53 -4.95 -20.85
C SER A 173 -5.90 -5.89 -21.98
N LYS A 174 -5.66 -5.50 -23.23
CA LYS A 174 -5.96 -6.39 -24.34
C LYS A 174 -4.88 -7.44 -24.54
N ASP A 175 -3.61 -7.01 -24.63
CA ASP A 175 -2.52 -7.89 -25.06
C ASP A 175 -1.41 -8.08 -24.04
N SER A 176 -1.49 -7.47 -22.85
CA SER A 176 -0.58 -7.72 -21.75
C SER A 176 0.84 -7.24 -22.04
N THR A 177 1.02 -6.32 -22.99
CA THR A 177 2.34 -5.76 -23.21
C THR A 177 2.48 -4.41 -22.52
N TYR A 178 3.70 -3.91 -22.60
CA TYR A 178 4.11 -2.62 -22.06
C TYR A 178 4.64 -1.78 -23.20
N SER A 179 4.63 -0.46 -22.98
CA SER A 179 5.31 0.46 -23.88
C SER A 179 6.10 1.42 -23.01
N LEU A 180 7.20 1.95 -23.57
CA LEU A 180 8.12 2.85 -22.88
C LEU A 180 8.44 4.04 -23.78
N SER A 181 8.45 5.23 -23.18
CA SER A 181 8.86 6.44 -23.88
C SER A 181 10.09 6.98 -23.18
N SER A 182 11.15 7.31 -23.93
CA SER A 182 12.31 8.01 -23.37
C SER A 182 12.46 9.34 -24.09
N THR A 183 12.63 10.42 -23.34
CA THR A 183 12.90 11.73 -23.90
C THR A 183 14.29 12.19 -23.53
N LEU A 184 15.06 12.58 -24.53
CA LEU A 184 16.36 13.22 -24.36
C LEU A 184 16.12 14.71 -24.56
N THR A 185 16.54 15.52 -23.61
CA THR A 185 16.30 16.96 -23.71
C THR A 185 17.61 17.75 -23.70
N LEU A 186 17.82 18.57 -24.72
CA LEU A 186 18.99 19.40 -24.88
C LEU A 186 18.52 20.83 -25.20
N SER A 187 19.41 21.81 -24.98
CA SER A 187 19.14 23.14 -25.50
C SER A 187 19.20 23.13 -27.02
N LYS A 188 18.49 24.06 -27.66
CA LYS A 188 18.61 24.11 -29.12
C LYS A 188 20.07 24.26 -29.53
N ALA A 189 20.83 25.09 -28.81
CA ALA A 189 22.21 25.31 -29.21
C ALA A 189 23.02 24.02 -29.16
N ASP A 190 22.86 23.23 -28.10
CA ASP A 190 23.58 21.94 -28.02
C ASP A 190 23.09 20.96 -29.10
N TYR A 191 21.78 20.93 -29.34
CA TYR A 191 21.22 20.10 -30.39
C TYR A 191 21.83 20.43 -31.76
N GLU A 192 21.98 21.71 -32.07
CA GLU A 192 22.59 22.14 -33.32
C GLU A 192 24.06 21.82 -33.41
N LYS A 193 24.72 21.45 -32.33
CA LYS A 193 26.14 21.19 -32.40
C LYS A 193 26.47 19.74 -32.74
N HIS A 194 25.48 18.88 -32.93
CA HIS A 194 25.75 17.48 -33.18
C HIS A 194 24.91 16.98 -34.36
N LYS A 195 25.32 15.84 -34.93
CA LYS A 195 24.69 15.31 -36.13
C LYS A 195 23.81 14.09 -35.85
N VAL A 196 24.35 13.04 -35.24
CA VAL A 196 23.68 11.75 -35.17
C VAL A 196 23.08 11.56 -33.77
N TYR A 197 21.77 11.35 -33.71
CA TYR A 197 21.05 11.11 -32.48
C TYR A 197 20.54 9.68 -32.52
N ALA A 198 20.87 8.88 -31.50
CA ALA A 198 20.51 7.48 -31.53
C ALA A 198 20.01 7.05 -30.17
N CYS A 199 19.02 6.16 -30.14
CA CYS A 199 18.66 5.43 -28.94
C CYS A 199 18.93 3.97 -29.20
N GLU A 200 19.55 3.32 -28.22
CA GLU A 200 19.95 1.93 -28.31
C GLU A 200 19.13 1.14 -27.30
N VAL A 201 18.49 0.07 -27.76
CA VAL A 201 17.53 -0.66 -26.93
C VAL A 201 18.02 -2.08 -26.70
N THR A 202 17.99 -2.55 -25.46
CA THR A 202 18.27 -3.94 -25.14
C THR A 202 17.04 -4.52 -24.45
N HIS A 203 16.63 -5.72 -24.85
CA HIS A 203 15.42 -6.32 -24.31
C HIS A 203 15.52 -7.83 -24.51
N GLN A 204 14.89 -8.61 -23.60
CA GLN A 204 14.97 -10.05 -23.74
C GLN A 204 14.47 -10.52 -25.11
N GLY A 205 13.60 -9.74 -25.74
CA GLY A 205 13.06 -10.17 -27.01
C GLY A 205 13.93 -9.86 -28.22
N LEU A 206 15.12 -9.31 -28.00
CA LEU A 206 16.04 -9.00 -29.10
C LEU A 206 17.36 -9.69 -28.79
N SER A 207 17.86 -10.47 -29.73
CA SER A 207 19.12 -11.17 -29.42
C SER A 207 20.31 -10.24 -29.51
N SER A 208 20.19 -9.14 -30.24
CA SER A 208 21.22 -8.12 -30.24
C SER A 208 20.55 -6.79 -30.02
N PRO A 209 21.24 -5.81 -29.44
CA PRO A 209 20.62 -4.50 -29.22
C PRO A 209 20.18 -3.90 -30.53
N VAL A 210 19.10 -3.13 -30.47
CA VAL A 210 18.56 -2.45 -31.63
C VAL A 210 18.82 -0.96 -31.49
N THR A 211 19.33 -0.34 -32.54
CA THR A 211 19.58 1.09 -32.54
C THR A 211 18.72 1.77 -33.61
N LYS A 212 18.01 2.82 -33.21
CA LYS A 212 17.28 3.70 -34.12
C LYS A 212 17.94 5.07 -34.05
N SER A 213 18.22 5.67 -35.21
CA SER A 213 18.94 6.92 -35.18
C SER A 213 18.49 7.78 -36.37
N PHE A 214 18.75 9.07 -36.25
CA PHE A 214 18.55 9.99 -37.38
C PHE A 214 19.71 10.97 -37.39
N ASN A 215 19.87 11.63 -38.54
CA ASN A 215 20.77 12.76 -38.69
C ASN A 215 19.96 14.04 -38.61
N ARG A 216 20.41 14.97 -37.76
CA ARG A 216 19.69 16.22 -37.60
C ARG A 216 19.47 16.88 -38.95
N GLY A 217 18.23 17.28 -39.22
CA GLY A 217 17.93 18.04 -40.42
C GLY A 217 17.67 17.23 -41.67
N GLU A 218 17.68 15.90 -41.61
CA GLU A 218 17.43 15.11 -42.80
C GLU A 218 15.93 14.99 -43.05
N VAL B 2 -19.02 1.14 6.73
CA VAL B 2 -17.77 1.50 7.42
C VAL B 2 -16.86 2.22 6.42
N GLN B 3 -16.45 3.45 6.71
CA GLN B 3 -15.70 4.17 5.70
C GLN B 3 -14.98 5.35 6.32
N LEU B 4 -13.90 5.75 5.64
CA LEU B 4 -13.10 6.90 6.00
C LEU B 4 -13.03 7.75 4.76
N VAL B 5 -13.42 9.00 4.88
CA VAL B 5 -13.52 9.89 3.73
C VAL B 5 -12.55 11.04 3.95
N GLN B 6 -11.56 11.15 3.07
CA GLN B 6 -10.50 12.14 3.18
C GLN B 6 -10.80 13.40 2.39
N SER B 7 -10.14 14.48 2.77
CA SER B 7 -10.28 15.76 2.09
C SER B 7 -9.59 15.70 0.72
N GLY B 8 -9.82 16.73 -0.09
CA GLY B 8 -9.38 16.70 -1.48
C GLY B 8 -7.90 17.01 -1.64
N GLY B 9 -7.41 16.85 -2.88
CA GLY B 9 -6.00 17.02 -3.13
C GLY B 9 -5.54 18.46 -2.92
N GLU B 10 -4.24 18.62 -2.62
CA GLU B 10 -3.66 19.94 -2.36
C GLU B 10 -2.36 20.11 -3.12
N VAL B 11 -2.06 21.34 -3.49
CA VAL B 11 -0.78 21.76 -4.03
C VAL B 11 -0.21 22.86 -3.13
N LYS B 12 1.06 22.73 -2.73
CA LYS B 12 1.67 23.58 -1.72
C LYS B 12 3.09 23.96 -2.12
N LYS B 13 3.53 25.17 -1.69
CA LYS B 13 4.89 25.60 -1.91
C LYS B 13 5.80 25.00 -0.84
N PRO B 14 7.09 24.80 -1.14
CA PRO B 14 8.02 24.36 -0.07
C PRO B 14 7.99 25.35 1.10
N GLY B 15 7.99 24.80 2.32
CA GLY B 15 7.92 25.61 3.52
C GLY B 15 6.52 25.87 4.03
N ALA B 16 5.49 25.56 3.23
CA ALA B 16 4.12 25.73 3.67
C ALA B 16 3.69 24.56 4.57
N SER B 17 2.42 24.54 4.96
CA SER B 17 1.91 23.37 5.67
C SER B 17 0.63 22.92 5.00
N VAL B 18 0.24 21.68 5.29
CA VAL B 18 -0.94 21.10 4.70
C VAL B 18 -1.68 20.38 5.80
N LYS B 19 -3.01 20.48 5.79
CA LYS B 19 -3.87 19.79 6.74
C LYS B 19 -4.77 18.83 5.96
N VAL B 20 -4.68 17.55 6.26
CA VAL B 20 -5.50 16.55 5.60
C VAL B 20 -6.48 16.01 6.61
N SER B 21 -7.76 15.91 6.26
CA SER B 21 -8.75 15.44 7.21
C SER B 21 -9.28 14.07 6.78
N CYS B 22 -9.92 13.38 7.72
CA CYS B 22 -10.30 11.99 7.54
C CYS B 22 -11.55 11.75 8.41
N LYS B 23 -12.71 11.65 7.78
CA LYS B 23 -13.96 11.54 8.52
C LYS B 23 -14.45 10.09 8.55
N ALA B 24 -14.69 9.58 9.75
CA ALA B 24 -15.14 8.21 9.96
C ALA B 24 -16.65 8.15 10.00
N SER B 25 -17.22 7.06 9.46
CA SER B 25 -18.64 6.76 9.62
C SER B 25 -18.80 5.25 9.52
N GLY B 26 -19.90 4.75 10.11
CA GLY B 26 -20.21 3.34 10.09
C GLY B 26 -19.56 2.53 11.19
N TYR B 27 -18.78 3.16 12.06
CA TYR B 27 -18.23 2.48 13.24
C TYR B 27 -18.03 3.53 14.31
N THR B 28 -17.80 3.09 15.53
CA THR B 28 -17.60 4.01 16.66
C THR B 28 -16.18 4.56 16.64
N PHE B 29 -16.05 5.74 16.02
CA PHE B 29 -14.78 6.42 15.86
C PHE B 29 -13.98 6.52 17.17
N THR B 30 -14.63 6.97 18.24
CA THR B 30 -13.88 7.19 19.49
C THR B 30 -13.55 5.90 20.24
N SER B 31 -13.96 4.73 19.77
CA SER B 31 -13.41 3.49 20.34
C SER B 31 -12.09 3.06 19.71
N TYR B 32 -11.59 3.81 18.72
CA TYR B 32 -10.43 3.36 17.93
C TYR B 32 -9.45 4.51 17.73
N GLY B 33 -8.48 4.31 16.84
CA GLY B 33 -7.53 5.36 16.52
C GLY B 33 -7.38 5.45 15.02
N ILE B 34 -6.37 6.18 14.57
CA ILE B 34 -6.19 6.42 13.14
C ILE B 34 -4.67 6.43 12.89
N SER B 35 -4.21 5.61 11.97
CA SER B 35 -2.84 5.70 11.51
C SER B 35 -2.83 6.42 10.16
N TRP B 36 -1.73 7.13 9.88
CA TRP B 36 -1.50 7.80 8.61
C TRP B 36 -0.32 7.16 7.89
N VAL B 37 -0.48 6.94 6.60
CA VAL B 37 0.47 6.21 5.78
C VAL B 37 0.56 6.98 4.47
N ARG B 38 1.77 7.17 3.98
CA ARG B 38 1.92 7.88 2.71
C ARG B 38 2.66 7.01 1.71
N GLN B 39 2.48 7.38 0.46
CA GLN B 39 3.00 6.62 -0.65
C GLN B 39 3.43 7.61 -1.72
N ALA B 40 4.72 7.78 -1.89
CA ALA B 40 5.24 8.68 -2.92
C ALA B 40 5.00 8.06 -4.29
N PRO B 41 4.92 8.86 -5.35
CA PRO B 41 4.60 8.31 -6.68
C PRO B 41 5.56 7.20 -7.08
N GLY B 42 5.01 6.05 -7.42
CA GLY B 42 5.82 4.92 -7.82
C GLY B 42 6.40 4.10 -6.68
N GLN B 43 6.21 4.48 -5.43
CA GLN B 43 6.96 3.91 -4.31
C GLN B 43 6.04 3.10 -3.41
N GLY B 44 6.62 2.57 -2.34
CA GLY B 44 5.90 1.74 -1.41
C GLY B 44 5.23 2.55 -0.32
N LEU B 45 4.63 1.84 0.62
CA LEU B 45 3.87 2.50 1.68
C LEU B 45 4.79 2.79 2.86
N GLU B 46 4.55 3.92 3.54
CA GLU B 46 5.39 4.35 4.66
C GLU B 46 4.52 4.91 5.79
N TRP B 47 4.63 4.32 6.98
CA TRP B 47 3.83 4.75 8.13
C TRP B 47 4.36 6.07 8.70
N MET B 48 3.48 7.02 8.94
CA MET B 48 3.82 8.35 9.43
CA MET B 48 3.98 8.27 9.49
C MET B 48 3.51 8.56 10.91
N GLY B 49 2.46 7.93 11.40
CA GLY B 49 2.13 8.15 12.79
C GLY B 49 0.74 7.66 13.09
N TRP B 50 0.36 7.87 14.35
CA TRP B 50 -0.87 7.30 14.88
C TRP B 50 -1.42 8.24 15.93
N ILE B 51 -2.75 8.31 16.03
CA ILE B 51 -3.42 9.05 17.11
C ILE B 51 -4.63 8.24 17.54
N SER B 52 -4.86 8.17 18.85
CA SER B 52 -6.06 7.57 19.42
C SER B 52 -7.24 8.54 19.44
N ALA B 53 -8.37 8.12 18.86
CA ALA B 53 -9.58 8.92 19.07
C ALA B 53 -10.21 8.60 20.41
N TYR B 54 -9.75 7.53 21.05
CA TYR B 54 -10.26 7.12 22.36
C TYR B 54 -9.69 8.00 23.47
N ASN B 55 -8.36 8.27 23.44
CA ASN B 55 -7.79 9.03 24.55
C ASN B 55 -6.80 10.09 24.10
N GLY B 56 -6.63 10.32 22.80
CA GLY B 56 -5.76 11.39 22.34
C GLY B 56 -4.27 11.11 22.32
N ASN B 57 -3.80 9.97 22.83
CA ASN B 57 -2.38 9.69 22.72
C ASN B 57 -1.97 9.63 21.26
N ARG B 58 -0.75 10.04 20.97
CA ARG B 58 -0.31 10.05 19.58
C ARG B 58 1.17 9.67 19.53
N LYS B 59 1.60 9.09 18.41
CA LYS B 59 2.99 8.72 18.20
C LYS B 59 3.34 9.00 16.74
N TYR B 60 4.47 9.63 16.51
CA TYR B 60 4.91 10.06 15.18
C TYR B 60 6.15 9.28 14.72
N ALA B 61 6.20 8.92 13.43
CA ALA B 61 7.43 8.33 12.90
C ALA B 61 8.61 9.31 12.98
N GLN B 62 9.80 8.76 13.15
CA GLN B 62 10.96 9.61 13.31
C GLN B 62 11.18 10.55 12.11
N LYS B 63 10.88 10.09 10.90
CA LYS B 63 11.09 10.91 9.71
C LYS B 63 10.31 12.23 9.74
N VAL B 64 9.14 12.27 10.40
CA VAL B 64 8.32 13.47 10.38
C VAL B 64 8.06 14.04 11.78
N GLN B 65 8.69 13.50 12.83
CA GLN B 65 8.17 13.76 14.17
C GLN B 65 8.27 15.23 14.56
N GLY B 66 9.24 15.96 13.99
CA GLY B 66 9.36 17.35 14.40
C GLY B 66 8.44 18.31 13.67
N ARG B 67 7.69 17.83 12.70
CA ARG B 67 6.92 18.78 11.91
C ARG B 67 5.53 18.25 11.59
N VAL B 68 5.05 17.24 12.29
CA VAL B 68 3.70 16.75 12.07
C VAL B 68 2.89 17.01 13.31
N SER B 69 1.60 17.24 13.10
CA SER B 69 0.65 17.40 14.20
C SER B 69 -0.57 16.59 13.83
N MET B 70 -1.00 15.70 14.71
CA MET B 70 -2.22 14.95 14.52
C MET B 70 -3.21 15.35 15.62
N THR B 71 -4.47 15.48 15.24
CA THR B 71 -5.52 15.94 16.13
C THR B 71 -6.80 15.18 15.81
N ILE B 72 -7.72 15.16 16.79
CA ILE B 72 -9.02 14.51 16.68
C ILE B 72 -10.11 15.56 16.91
N ASP B 73 -11.19 15.46 16.17
CA ASP B 73 -12.40 16.23 16.44
C ASP B 73 -13.48 15.19 16.72
N THR B 74 -13.80 14.96 18.00
CA THR B 74 -14.74 13.87 18.30
C THR B 74 -16.15 14.28 17.91
N HIS B 75 -16.44 15.58 17.89
CA HIS B 75 -17.77 16.05 17.50
C HIS B 75 -18.12 15.63 16.06
N THR B 76 -17.17 15.77 15.14
CA THR B 76 -17.41 15.42 13.75
C THR B 76 -16.80 14.08 13.34
N SER B 77 -16.31 13.28 14.30
CA SER B 77 -15.68 11.98 13.99
C SER B 77 -14.58 12.11 12.94
N THR B 78 -13.70 13.09 13.14
CA THR B 78 -12.70 13.45 12.13
C THR B 78 -11.31 13.42 12.74
N ALA B 79 -10.37 12.80 12.03
CA ALA B 79 -8.97 12.88 12.39
C ALA B 79 -8.27 13.80 11.39
N ASN B 80 -7.37 14.66 11.88
CA ASN B 80 -6.60 15.55 11.03
C ASN B 80 -5.11 15.30 11.19
N MET B 81 -4.40 15.43 10.07
CA MET B 81 -2.96 15.37 10.07
C MET B 81 -2.45 16.65 9.41
N GLU B 82 -1.68 17.43 10.14
CA GLU B 82 -1.04 18.62 9.56
C GLU B 82 0.45 18.35 9.47
N LEU B 83 0.98 18.43 8.24
CA LEU B 83 2.41 18.28 7.99
C LEU B 83 2.98 19.65 7.64
N ARG B 84 4.02 20.06 8.37
CA ARG B 84 4.57 21.41 8.30
C ARG B 84 5.93 21.41 7.61
N SER B 85 6.42 22.62 7.37
CA SER B 85 7.63 22.93 6.57
C SER B 85 7.83 21.90 5.46
N LEU B 86 6.88 21.92 4.54
CA LEU B 86 6.86 20.91 3.49
C LEU B 86 8.07 21.03 2.58
N ARG B 87 8.50 19.89 2.04
CA ARG B 87 9.54 19.87 1.02
C ARG B 87 9.08 19.00 -0.14
N SER B 88 9.81 19.11 -1.26
CA SER B 88 9.36 18.39 -2.46
C SER B 88 9.24 16.90 -2.23
N ASP B 89 10.06 16.32 -1.36
CA ASP B 89 9.93 14.89 -1.17
C ASP B 89 8.77 14.52 -0.25
N ASP B 90 7.96 15.50 0.21
CA ASP B 90 6.68 15.16 0.83
C ASP B 90 5.57 14.92 -0.19
N THR B 91 5.84 15.11 -1.47
CA THR B 91 4.86 14.84 -2.51
C THR B 91 4.48 13.37 -2.44
N ALA B 92 3.19 13.10 -2.22
CA ALA B 92 2.75 11.72 -1.99
C ALA B 92 1.23 11.67 -1.93
N VAL B 93 0.70 10.44 -1.98
CA VAL B 93 -0.68 10.19 -1.56
C VAL B 93 -0.64 9.84 -0.08
N TYR B 94 -1.50 10.49 0.72
CA TYR B 94 -1.57 10.29 2.15
C TYR B 94 -2.87 9.55 2.43
N TYR B 95 -2.77 8.43 3.16
CA TYR B 95 -3.95 7.65 3.52
C TYR B 95 -4.13 7.69 5.04
N CYS B 96 -5.40 7.75 5.48
CA CYS B 96 -5.70 7.41 6.86
C CYS B 96 -6.23 5.99 6.92
N ALA B 97 -6.04 5.34 8.07
CA ALA B 97 -6.53 3.98 8.25
C ALA B 97 -6.99 3.83 9.69
N LYS B 98 -8.09 3.12 9.86
CA LYS B 98 -8.58 2.85 11.22
C LYS B 98 -7.57 1.96 11.93
N ASP B 99 -7.30 2.25 13.20
CA ASP B 99 -6.26 1.52 13.93
C ASP B 99 -6.67 1.45 15.40
N ARG B 100 -5.74 0.93 16.23
CA ARG B 100 -6.04 0.73 17.65
C ARG B 100 -6.32 2.07 18.34
N GLY B 101 -7.25 2.03 19.31
CA GLY B 101 -7.49 3.17 20.17
C GLY B 101 -6.69 3.13 21.46
N ASP B 102 -6.28 1.92 21.89
CA ASP B 102 -5.46 1.74 23.08
C ASP B 102 -4.07 1.36 22.58
N GLY B 103 -3.15 2.31 22.61
CA GLY B 103 -1.78 2.02 22.22
C GLY B 103 -0.97 1.26 23.25
N ASP B 104 -1.52 0.99 24.43
CA ASP B 104 -0.75 0.36 25.50
C ASP B 104 -1.10 -1.09 25.71
N TYR B 105 -2.27 -1.52 25.27
CA TYR B 105 -2.70 -2.88 25.51
C TYR B 105 -3.19 -3.43 24.19
N ARG B 106 -2.97 -4.72 23.98
CA ARG B 106 -3.55 -5.41 22.84
C ARG B 106 -4.68 -6.29 23.32
N TYR B 107 -5.79 -6.30 22.57
CA TYR B 107 -6.93 -7.12 22.95
C TYR B 107 -7.14 -8.12 21.82
N TYR B 108 -8.29 -8.09 21.14
CA TYR B 108 -8.52 -9.01 20.03
C TYR B 108 -8.93 -8.24 18.78
N TYR B 109 -8.52 -6.99 18.67
CA TYR B 109 -8.74 -6.17 17.49
C TYR B 109 -7.39 -5.86 16.83
N TYR B 110 -7.33 -6.01 15.51
CA TYR B 110 -6.12 -5.80 14.72
C TYR B 110 -6.35 -4.63 13.79
N GLY B 111 -5.43 -3.67 13.79
CA GLY B 111 -5.66 -2.39 13.12
C GLY B 111 -5.36 -2.42 11.63
N MET B 112 -5.58 -1.24 10.99
CA MET B 112 -5.42 -1.02 9.56
C MET B 112 -6.44 -1.80 8.75
N ASP B 113 -7.62 -2.03 9.34
CA ASP B 113 -8.64 -2.82 8.68
C ASP B 113 -9.50 -2.00 7.73
N VAL B 114 -9.51 -0.67 7.84
CA VAL B 114 -10.31 0.18 6.96
C VAL B 114 -9.43 1.34 6.54
N TRP B 115 -9.43 1.69 5.24
CA TRP B 115 -8.60 2.77 4.72
C TRP B 115 -9.45 3.83 4.02
N GLY B 116 -9.02 5.08 4.12
CA GLY B 116 -9.64 6.13 3.33
C GLY B 116 -9.14 6.06 1.89
N GLN B 117 -9.69 6.95 1.05
CA GLN B 117 -9.46 6.91 -0.40
C GLN B 117 -8.16 7.58 -0.77
N GLY B 118 -7.46 8.19 0.19
CA GLY B 118 -6.20 8.86 -0.09
C GLY B 118 -6.40 10.31 -0.47
N THR B 119 -5.38 11.12 -0.18
CA THR B 119 -5.33 12.55 -0.50
C THR B 119 -3.98 12.81 -1.16
N THR B 120 -3.98 13.32 -2.40
CA THR B 120 -2.73 13.65 -3.06
C THR B 120 -2.25 15.01 -2.58
N VAL B 121 -0.99 15.06 -2.14
CA VAL B 121 -0.34 16.33 -1.82
C VAL B 121 0.87 16.50 -2.72
N THR B 122 0.93 17.62 -3.43
CA THR B 122 2.06 17.94 -4.29
C THR B 122 2.75 19.18 -3.72
N VAL B 123 4.06 19.08 -3.51
CA VAL B 123 4.85 20.19 -2.97
C VAL B 123 5.83 20.64 -4.03
N SER B 124 5.80 21.92 -4.37
CA SER B 124 6.58 22.41 -5.50
C SER B 124 6.64 23.92 -5.46
N SER B 125 7.76 24.49 -5.91
CA SER B 125 7.81 25.94 -6.04
C SER B 125 7.21 26.40 -7.38
N ALA B 126 6.87 25.47 -8.26
CA ALA B 126 6.23 25.81 -9.52
C ALA B 126 4.89 26.49 -9.32
N SER B 127 4.52 27.32 -10.29
CA SER B 127 3.21 27.94 -10.38
C SER B 127 2.41 27.24 -11.46
N THR B 128 1.07 27.30 -11.34
CA THR B 128 0.19 26.65 -12.33
C THR B 128 0.49 27.15 -13.74
N LYS B 129 0.61 26.23 -14.69
CA LYS B 129 1.06 26.59 -16.03
C LYS B 129 0.54 25.56 -17.02
N GLY B 130 -0.03 26.02 -18.14
CA GLY B 130 -0.50 25.11 -19.16
C GLY B 130 0.64 24.57 -20.01
N PRO B 131 0.45 23.42 -20.64
CA PRO B 131 1.54 22.82 -21.43
C PRO B 131 1.68 23.45 -22.80
N SER B 132 2.87 23.25 -23.39
CA SER B 132 3.05 23.41 -24.83
C SER B 132 2.88 22.03 -25.45
N VAL B 133 2.29 21.97 -26.64
CA VAL B 133 2.02 20.67 -27.28
C VAL B 133 2.76 20.63 -28.62
N PHE B 134 3.65 19.67 -28.79
CA PHE B 134 4.43 19.58 -30.02
C PHE B 134 4.15 18.26 -30.74
N PRO B 135 4.03 18.27 -32.07
CA PRO B 135 3.78 17.01 -32.81
C PRO B 135 4.98 16.07 -32.76
N LEU B 136 4.72 14.78 -32.67
CA LEU B 136 5.70 13.74 -32.97
C LEU B 136 5.29 13.15 -34.31
N ALA B 137 5.85 13.73 -35.40
CA ALA B 137 5.41 13.42 -36.75
C ALA B 137 5.82 12.01 -37.16
N PRO B 138 4.95 11.27 -37.86
CA PRO B 138 5.38 9.97 -38.38
C PRO B 138 6.30 10.17 -39.57
N SER B 139 7.31 9.33 -39.66
CA SER B 139 8.27 9.37 -40.77
C SER B 139 8.75 7.95 -41.03
N SER B 140 9.73 7.83 -41.93
CA SER B 140 10.39 6.54 -42.12
C SER B 140 11.07 6.04 -40.84
N LYS B 141 11.39 6.94 -39.89
CA LYS B 141 12.06 6.55 -38.65
C LYS B 141 11.09 6.10 -37.57
N SER B 142 9.78 6.20 -37.85
CA SER B 142 8.73 5.74 -36.97
C SER B 142 7.73 4.88 -37.74
N THR B 143 8.21 4.16 -38.73
CA THR B 143 7.39 3.31 -39.58
C THR B 143 8.01 1.93 -39.68
N SER B 144 7.23 0.91 -39.35
CA SER B 144 7.67 -0.49 -39.32
C SER B 144 6.63 -1.33 -40.06
N GLY B 145 6.94 -1.70 -41.31
CA GLY B 145 6.15 -2.67 -42.04
C GLY B 145 4.65 -2.41 -42.09
N GLY B 146 4.26 -1.32 -42.72
CA GLY B 146 2.86 -1.01 -42.83
C GLY B 146 2.29 -0.27 -41.64
N THR B 147 3.05 -0.10 -40.56
CA THR B 147 2.58 0.52 -39.33
C THR B 147 3.42 1.76 -39.05
N ALA B 148 2.74 2.88 -38.80
CA ALA B 148 3.38 4.15 -38.48
C ALA B 148 3.02 4.56 -37.05
N ALA B 149 4.00 5.07 -36.32
CA ALA B 149 3.78 5.65 -34.99
C ALA B 149 3.81 7.17 -35.11
N LEU B 150 2.89 7.85 -34.42
CA LEU B 150 2.86 9.30 -34.35
C LEU B 150 2.43 9.69 -32.95
N GLY B 151 2.54 10.97 -32.61
CA GLY B 151 2.20 11.33 -31.24
C GLY B 151 2.26 12.80 -30.97
N CYS B 152 2.14 13.13 -29.68
CA CYS B 152 2.21 14.52 -29.20
C CYS B 152 3.04 14.54 -27.92
N LEU B 153 3.94 15.51 -27.83
CA LEU B 153 4.72 15.78 -26.64
C LEU B 153 4.06 16.93 -25.92
N VAL B 154 3.63 16.67 -24.67
CA VAL B 154 2.90 17.64 -23.86
C VAL B 154 3.88 18.10 -22.80
N LYS B 155 4.46 19.29 -22.99
CA LYS B 155 5.67 19.66 -22.26
C LYS B 155 5.41 20.82 -21.31
N ASP B 156 6.02 20.74 -20.14
CA ASP B 156 6.18 21.88 -19.24
C ASP B 156 4.87 22.39 -18.65
N TYR B 157 4.12 21.54 -17.98
CA TYR B 157 2.90 22.00 -17.33
C TYR B 157 2.95 21.69 -15.84
N PHE B 158 2.06 22.35 -15.11
CA PHE B 158 1.99 22.11 -13.67
C PHE B 158 0.65 22.61 -13.15
N PRO B 159 -0.02 21.88 -12.26
CA PRO B 159 0.34 20.57 -11.70
C PRO B 159 -0.24 19.47 -12.58
N GLU B 160 -0.10 18.22 -12.19
CA GLU B 160 -0.87 17.18 -12.85
C GLU B 160 -2.33 17.44 -12.50
N PRO B 161 -3.27 16.97 -13.32
CA PRO B 161 -3.03 16.14 -14.52
C PRO B 161 -3.34 16.84 -15.84
N VAL B 162 -2.89 16.25 -16.95
CA VAL B 162 -3.42 16.56 -18.27
C VAL B 162 -4.17 15.33 -18.74
N THR B 163 -5.12 15.54 -19.65
CA THR B 163 -5.76 14.42 -20.32
C THR B 163 -5.49 14.56 -21.80
N VAL B 164 -5.31 13.44 -22.48
CA VAL B 164 -5.05 13.46 -23.92
C VAL B 164 -6.06 12.54 -24.57
N SER B 165 -6.65 12.99 -25.66
CA SER B 165 -7.39 12.05 -26.48
C SER B 165 -6.93 12.27 -27.90
N TRP B 166 -7.34 11.35 -28.78
CA TRP B 166 -7.03 11.43 -30.20
C TRP B 166 -8.33 11.48 -30.98
N ASN B 167 -8.39 12.41 -31.94
CA ASN B 167 -9.56 12.63 -32.79
C ASN B 167 -10.84 12.67 -31.96
N SER B 168 -10.78 13.44 -30.87
CA SER B 168 -11.91 13.70 -29.99
C SER B 168 -12.49 12.43 -29.37
N GLY B 169 -11.63 11.43 -29.17
CA GLY B 169 -12.01 10.16 -28.57
C GLY B 169 -12.45 9.10 -29.55
N ALA B 170 -12.50 9.42 -30.84
CA ALA B 170 -12.86 8.43 -31.84
C ALA B 170 -11.71 7.53 -32.21
N LEU B 171 -10.48 7.89 -31.85
CA LEU B 171 -9.30 7.08 -32.10
C LEU B 171 -8.79 6.57 -30.75
N THR B 172 -9.01 5.30 -30.47
CA THR B 172 -8.52 4.69 -29.25
C THR B 172 -7.61 3.49 -29.48
N SER B 173 -7.69 2.81 -30.63
CA SER B 173 -6.90 1.61 -30.78
C SER B 173 -5.43 2.00 -30.88
N GLY B 174 -4.59 1.28 -30.14
CA GLY B 174 -3.15 1.53 -30.20
C GLY B 174 -2.67 2.83 -29.61
N VAL B 175 -3.52 3.56 -28.87
CA VAL B 175 -3.09 4.78 -28.18
C VAL B 175 -2.36 4.39 -26.89
N HIS B 176 -1.23 5.05 -26.61
CA HIS B 176 -0.53 4.91 -25.34
C HIS B 176 -0.24 6.30 -24.83
N THR B 177 -0.87 6.68 -23.74
CA THR B 177 -0.55 7.95 -23.10
C THR B 177 0.29 7.63 -21.87
N PHE B 178 1.51 8.11 -21.86
CA PHE B 178 2.47 7.65 -20.86
C PHE B 178 2.30 8.42 -19.54
N PRO B 179 2.75 7.82 -18.43
CA PRO B 179 2.85 8.59 -17.18
C PRO B 179 3.74 9.80 -17.41
N ALA B 180 3.31 10.94 -16.84
CA ALA B 180 4.14 12.14 -16.84
C ALA B 180 5.43 11.92 -16.07
N VAL B 181 6.48 12.62 -16.47
CA VAL B 181 7.71 12.70 -15.68
C VAL B 181 7.87 14.13 -15.18
N LEU B 182 8.52 14.27 -14.04
CA LEU B 182 8.79 15.57 -13.42
C LEU B 182 10.20 15.99 -13.82
N GLN B 183 10.31 17.11 -14.53
CA GLN B 183 11.59 17.57 -15.04
C GLN B 183 12.34 18.32 -13.96
N SER B 184 13.64 18.58 -14.23
CA SER B 184 14.47 19.33 -13.29
C SER B 184 13.91 20.71 -13.01
N SER B 185 13.16 21.26 -13.97
CA SER B 185 12.54 22.57 -13.80
C SER B 185 11.39 22.56 -12.82
N GLY B 186 10.94 21.38 -12.39
CA GLY B 186 9.71 21.29 -11.61
C GLY B 186 8.43 21.26 -12.45
N LEU B 187 8.53 21.30 -13.77
CA LEU B 187 7.36 21.16 -14.63
C LEU B 187 7.27 19.74 -15.15
N TYR B 188 6.05 19.30 -15.41
CA TYR B 188 5.82 17.95 -15.91
C TYR B 188 5.86 17.91 -17.43
N SER B 189 6.08 16.70 -17.94
CA SER B 189 6.06 16.47 -19.39
C SER B 189 5.57 15.04 -19.60
N LEU B 190 4.74 14.85 -20.63
CA LEU B 190 4.33 13.52 -21.03
C LEU B 190 4.22 13.45 -22.54
N SER B 191 4.18 12.23 -23.06
CA SER B 191 3.93 12.00 -24.47
C SER B 191 2.72 11.10 -24.63
N SER B 192 2.03 11.25 -25.75
CA SER B 192 0.99 10.31 -26.10
C SER B 192 1.27 9.90 -27.54
N VAL B 193 1.20 8.60 -27.80
CA VAL B 193 1.50 8.10 -29.13
C VAL B 193 0.37 7.20 -29.57
N VAL B 194 0.27 7.02 -30.88
CA VAL B 194 -0.68 6.06 -31.43
C VAL B 194 0.01 5.42 -32.65
N THR B 195 -0.26 4.14 -32.90
CA THR B 195 0.18 3.52 -34.14
C THR B 195 -1.01 3.32 -35.07
N VAL B 196 -0.80 3.59 -36.34
CA VAL B 196 -1.86 3.55 -37.34
C VAL B 196 -1.31 2.88 -38.60
N PRO B 197 -2.19 2.38 -39.48
CA PRO B 197 -1.71 1.90 -40.78
C PRO B 197 -1.00 3.03 -41.51
N SER B 198 0.19 2.74 -42.04
CA SER B 198 0.90 3.84 -42.70
C SER B 198 0.16 4.25 -43.97
N SER B 199 -0.63 3.34 -44.55
CA SER B 199 -1.48 3.73 -45.67
C SER B 199 -2.57 4.72 -45.25
N SER B 200 -2.84 4.89 -43.96
CA SER B 200 -3.88 5.84 -43.57
C SER B 200 -3.36 7.26 -43.41
N LEU B 201 -2.04 7.48 -43.54
CA LEU B 201 -1.51 8.82 -43.37
C LEU B 201 -2.04 9.78 -44.44
N GLY B 202 -2.47 9.28 -45.59
CA GLY B 202 -2.99 10.16 -46.62
C GLY B 202 -4.50 10.26 -46.66
N THR B 203 -5.18 9.43 -45.86
CA THR B 203 -6.64 9.37 -45.89
C THR B 203 -7.27 9.86 -44.60
N GLN B 204 -6.52 9.95 -43.49
CA GLN B 204 -7.08 10.29 -42.19
C GLN B 204 -6.32 11.44 -41.56
N THR B 205 -7.04 12.29 -40.84
CA THR B 205 -6.40 13.36 -40.08
C THR B 205 -6.23 12.88 -38.63
N TYR B 206 -5.07 13.17 -38.06
CA TYR B 206 -4.79 12.76 -36.69
C TYR B 206 -4.55 14.01 -35.87
N ILE B 207 -5.38 14.19 -34.84
CA ILE B 207 -5.32 15.36 -33.97
C ILE B 207 -5.26 14.88 -32.54
N CYS B 208 -4.27 15.36 -31.79
CA CYS B 208 -4.30 15.10 -30.35
C CYS B 208 -4.97 16.27 -29.63
N ASN B 209 -5.84 15.94 -28.67
CA ASN B 209 -6.62 16.91 -27.92
C ASN B 209 -6.10 16.86 -26.50
N VAL B 210 -5.52 17.96 -26.05
CA VAL B 210 -4.86 18.07 -24.75
C VAL B 210 -5.63 19.04 -23.88
N ASN B 211 -5.96 18.62 -22.66
CA ASN B 211 -6.74 19.46 -21.75
C ASN B 211 -6.02 19.47 -20.41
N HIS B 212 -5.73 20.67 -19.93
CA HIS B 212 -5.06 20.88 -18.66
C HIS B 212 -6.05 21.71 -17.87
N LYS B 213 -6.91 21.03 -17.11
CA LYS B 213 -7.94 21.75 -16.35
C LYS B 213 -7.39 22.72 -15.32
N PRO B 214 -6.29 22.44 -14.62
CA PRO B 214 -5.84 23.42 -13.61
C PRO B 214 -5.55 24.78 -14.22
N SER B 215 -5.11 24.88 -15.47
CA SER B 215 -4.84 26.15 -16.11
C SER B 215 -5.91 26.56 -17.13
N ASN B 216 -7.00 25.80 -17.27
CA ASN B 216 -8.02 26.06 -18.27
C ASN B 216 -7.40 26.21 -19.66
N THR B 217 -6.48 25.30 -19.97
CA THR B 217 -5.78 25.25 -21.25
C THR B 217 -6.34 24.05 -22.01
N LYS B 218 -6.79 24.28 -23.24
CA LYS B 218 -7.14 23.20 -24.15
C LYS B 218 -6.37 23.44 -25.44
N VAL B 219 -5.77 22.39 -25.97
CA VAL B 219 -5.01 22.48 -27.22
C VAL B 219 -5.43 21.33 -28.11
N ASP B 220 -5.66 21.61 -29.37
CA ASP B 220 -5.81 20.59 -30.40
C ASP B 220 -4.61 20.74 -31.33
N LYS B 221 -3.93 19.64 -31.61
CA LYS B 221 -2.72 19.69 -32.42
C LYS B 221 -2.82 18.64 -33.52
N LYS B 222 -2.94 19.11 -34.77
CA LYS B 222 -2.89 18.22 -35.93
C LYS B 222 -1.46 17.73 -36.12
N VAL B 223 -1.28 16.43 -36.28
CA VAL B 223 0.05 15.83 -36.42
C VAL B 223 0.20 15.42 -37.87
N GLU B 224 1.04 16.16 -38.62
CA GLU B 224 1.07 15.89 -40.05
C GLU B 224 2.23 14.97 -40.42
N PRO B 225 2.03 14.10 -41.40
CA PRO B 225 3.03 13.09 -41.70
C PRO B 225 4.18 13.69 -42.48
N LYS B 226 5.34 13.07 -42.32
CA LYS B 226 6.52 13.44 -43.09
C LYS B 226 6.72 12.45 -44.22
N SER B 227 7.15 12.95 -45.36
CA SER B 227 7.28 12.12 -46.54
C SER B 227 8.72 11.65 -46.74
N VAL C 5 -14.78 -15.91 36.23
CA VAL C 5 -14.65 -14.46 36.29
C VAL C 5 -16.03 -13.81 36.13
N THR C 6 -16.39 -12.94 37.07
CA THR C 6 -17.69 -12.26 37.11
C THR C 6 -17.46 -10.76 37.28
N VAL C 7 -18.57 -10.00 37.25
CA VAL C 7 -18.48 -8.55 37.46
C VAL C 7 -17.94 -8.26 38.84
N ASP C 8 -18.02 -9.20 39.77
CA ASP C 8 -17.53 -9.00 41.12
C ASP C 8 -16.08 -9.43 41.31
N THR C 9 -15.44 -9.93 40.26
CA THR C 9 -14.04 -10.30 40.33
C THR C 9 -13.12 -9.08 40.45
N VAL C 10 -12.07 -9.20 41.26
CA VAL C 10 -11.00 -8.20 41.28
C VAL C 10 -9.77 -8.86 40.66
N CYS C 11 -9.32 -8.39 39.51
CA CYS C 11 -8.12 -8.94 38.88
C CYS C 11 -6.89 -8.44 39.61
N LYS C 12 -6.07 -9.38 40.14
CA LYS C 12 -4.87 -8.97 40.86
C LYS C 12 -3.80 -8.55 39.87
N ARG C 13 -3.37 -7.29 39.95
CA ARG C 13 -2.36 -6.72 39.04
C ARG C 13 -2.84 -6.76 37.58
N GLY C 14 -4.13 -6.52 37.40
CA GLY C 14 -4.75 -6.51 36.10
C GLY C 14 -6.07 -5.80 36.19
N PHE C 15 -6.83 -5.86 35.09
CA PHE C 15 -8.14 -5.21 35.05
C PHE C 15 -9.12 -6.05 34.25
N LEU C 16 -10.40 -5.95 34.61
CA LEU C 16 -11.44 -6.69 33.92
C LEU C 16 -11.69 -6.07 32.56
N ILE C 17 -11.94 -6.92 31.56
CA ILE C 17 -12.48 -6.46 30.28
C ILE C 17 -13.68 -7.33 29.94
N GLN C 18 -14.58 -6.78 29.13
CA GLN C 18 -15.81 -7.47 28.76
C GLN C 18 -15.92 -7.54 27.24
N MET C 19 -16.29 -8.71 26.74
CA MET C 19 -16.60 -8.98 25.34
C MET C 19 -18.08 -9.39 25.25
N SER C 20 -18.55 -9.82 24.06
CA SER C 20 -19.99 -10.03 23.94
C SER C 20 -20.48 -11.16 24.84
N GLY C 21 -19.65 -12.17 25.12
CA GLY C 21 -20.16 -13.31 25.85
C GLY C 21 -19.38 -13.69 27.10
N HIS C 22 -18.47 -12.85 27.58
CA HIS C 22 -17.70 -13.19 28.78
C HIS C 22 -16.94 -11.99 29.31
N LEU C 23 -16.41 -12.16 30.51
CA LEU C 23 -15.45 -11.25 31.10
C LEU C 23 -14.15 -12.00 31.33
N GLU C 24 -13.03 -11.29 31.26
CA GLU C 24 -11.76 -11.91 31.58
C GLU C 24 -10.85 -10.85 32.19
N CYS C 25 -9.81 -11.31 32.86
CA CYS C 25 -8.77 -10.43 33.38
C CYS C 25 -7.69 -10.19 32.34
N LYS C 26 -7.36 -8.92 32.14
CA LYS C 26 -6.22 -8.52 31.34
C LYS C 26 -5.13 -8.07 32.30
N CYS C 27 -3.90 -8.49 32.05
CA CYS C 27 -2.79 -8.16 32.94
C CYS C 27 -2.20 -6.79 32.68
N GLU C 28 -1.76 -6.12 33.73
CA GLU C 28 -1.07 -4.85 33.58
C GLU C 28 0.28 -5.07 32.93
N ASN C 29 0.77 -4.03 32.25
CA ASN C 29 2.15 -4.00 31.77
C ASN C 29 2.46 -5.29 31.03
N ASP C 30 3.52 -5.97 31.41
CA ASP C 30 3.93 -7.21 30.76
C ASP C 30 3.79 -8.43 31.66
N LEU C 31 2.95 -8.37 32.67
CA LEU C 31 2.69 -9.52 33.53
C LEU C 31 1.86 -10.56 32.76
N VAL C 32 1.75 -11.76 33.34
CA VAL C 32 1.05 -12.87 32.72
C VAL C 32 0.09 -13.49 33.73
N LEU C 33 -0.98 -14.10 33.23
CA LEU C 33 -1.96 -14.76 34.07
C LEU C 33 -1.38 -16.03 34.67
N VAL C 34 -1.46 -16.18 35.99
CA VAL C 34 -1.13 -17.47 36.58
C VAL C 34 -2.39 -18.25 36.89
N ASN C 35 -3.52 -17.57 37.03
CA ASN C 35 -4.85 -18.17 36.99
C ASN C 35 -5.77 -17.13 36.39
N GLU C 36 -7.06 -17.43 36.30
CA GLU C 36 -7.98 -16.54 35.64
C GLU C 36 -8.06 -15.14 36.25
N GLU C 37 -7.59 -14.92 37.48
CA GLU C 37 -7.74 -13.56 38.00
C GLU C 37 -6.48 -13.03 38.66
N THR C 38 -5.31 -13.56 38.31
CA THR C 38 -4.08 -13.21 39.02
C THR C 38 -2.96 -13.07 38.00
N CYS C 39 -2.30 -11.93 38.01
CA CYS C 39 -1.16 -11.67 37.12
C CYS C 39 0.12 -11.57 37.93
N GLU C 40 1.18 -12.17 37.39
CA GLU C 40 2.51 -12.15 38.00
C GLU C 40 3.56 -11.85 36.92
N GLU C 41 4.73 -11.37 37.37
CA GLU C 41 5.82 -11.07 36.45
C GLU C 41 6.24 -12.34 35.73
N LYS C 42 6.70 -12.17 34.49
CA LYS C 42 7.06 -13.26 33.62
C LYS C 42 8.58 -13.37 33.47
N VAL C 43 9.10 -14.57 33.51
CA VAL C 43 10.52 -14.73 33.21
C VAL C 43 10.72 -14.80 31.70
N LEU C 44 11.88 -14.31 31.25
CA LEU C 44 12.18 -14.29 29.82
C LEU C 44 12.83 -15.58 29.35
N LYS C 45 13.55 -16.27 30.24
CA LYS C 45 14.23 -17.52 29.90
C LYS C 45 13.87 -18.57 30.94
N CYS C 46 13.47 -19.74 30.47
CA CYS C 46 13.20 -20.88 31.35
CA CYS C 46 13.20 -20.88 31.36
C CYS C 46 14.49 -21.66 31.56
N ASP C 47 14.94 -21.74 32.82
CA ASP C 47 16.16 -22.46 33.16
C ASP C 47 16.08 -22.86 34.62
N GLU C 48 17.24 -23.22 35.20
CA GLU C 48 17.28 -23.62 36.60
C GLU C 48 16.91 -22.48 37.52
N LYS C 49 17.40 -21.27 37.22
CA LYS C 49 17.14 -20.15 38.10
C LYS C 49 15.69 -19.70 38.03
N THR C 50 15.01 -19.92 36.90
CA THR C 50 13.64 -19.47 36.73
C THR C 50 12.61 -20.59 36.84
N VAL C 51 13.02 -21.79 37.29
CA VAL C 51 12.08 -22.91 37.35
C VAL C 51 10.92 -22.58 38.29
N ASN C 52 9.72 -23.02 37.89
CA ASN C 52 8.41 -22.82 38.50
C ASN C 52 7.84 -21.43 38.27
N LYS C 53 8.59 -20.51 37.69
CA LYS C 53 8.08 -19.17 37.53
C LYS C 53 7.19 -19.08 36.30
N PRO C 54 6.29 -18.11 36.25
CA PRO C 54 5.44 -17.96 35.07
C PRO C 54 6.25 -17.54 33.86
N CYS C 55 5.92 -18.11 32.70
CA CYS C 55 6.56 -17.74 31.45
C CYS C 55 5.56 -17.29 30.38
N GLY C 56 4.29 -17.20 30.74
CA GLY C 56 3.24 -16.82 29.81
C GLY C 56 1.92 -17.07 30.47
N ASP C 57 0.85 -16.56 29.84
CA ASP C 57 -0.47 -16.79 30.41
C ASP C 57 -0.71 -18.30 30.51
N PHE C 58 -1.03 -18.77 31.72
CA PHE C 58 -1.33 -20.17 31.98
C PHE C 58 -0.19 -21.10 31.57
N SER C 59 1.04 -20.63 31.64
CA SER C 59 2.17 -21.52 31.46
C SER C 59 3.29 -21.12 32.41
N LYS C 60 4.01 -22.10 32.95
CA LYS C 60 5.16 -21.81 33.79
C LYS C 60 6.36 -22.67 33.39
N CYS C 61 7.54 -22.20 33.81
CA CYS C 61 8.80 -22.91 33.55
CA CYS C 61 8.79 -22.90 33.53
C CYS C 61 8.86 -24.17 34.39
N ILE C 62 9.01 -25.33 33.75
CA ILE C 62 9.08 -26.56 34.52
C ILE C 62 10.34 -27.34 34.16
N LYS C 63 10.79 -28.17 35.10
CA LYS C 63 11.87 -29.10 34.82
C LYS C 63 11.31 -30.32 34.10
N ILE C 64 12.03 -30.78 33.08
CA ILE C 64 11.63 -32.03 32.44
C ILE C 64 12.76 -33.06 32.51
N PRO C 68 19.55 -35.64 29.48
CA PRO C 68 20.09 -34.65 30.44
C PRO C 68 19.06 -33.59 30.84
N VAL C 69 19.40 -32.81 31.87
CA VAL C 69 18.47 -31.87 32.50
C VAL C 69 18.11 -30.76 31.53
N SER C 70 16.84 -30.35 31.52
CA SER C 70 16.43 -29.20 30.74
C SER C 70 15.13 -28.62 31.29
N TYR C 71 14.87 -27.36 30.92
CA TYR C 71 13.74 -26.60 31.41
C TYR C 71 12.97 -26.06 30.22
N ALA C 72 11.64 -26.05 30.33
CA ALA C 72 10.81 -25.59 29.21
C ALA C 72 9.53 -24.95 29.74
N CYS C 73 8.94 -24.11 28.90
CA CYS C 73 7.68 -23.44 29.21
C CYS C 73 6.54 -24.37 28.82
N LYS C 74 5.69 -24.73 29.79
CA LYS C 74 4.60 -25.67 29.52
C LYS C 74 3.25 -25.15 29.99
N CYS C 75 2.23 -25.34 29.16
CA CYS C 75 0.89 -24.91 29.54
C CYS C 75 0.39 -25.69 30.77
N ASN C 76 -0.41 -25.01 31.58
CA ASN C 76 -1.14 -25.62 32.67
C ASN C 76 -2.13 -26.67 32.14
N LEU C 77 -2.47 -27.60 33.02
CA LEU C 77 -3.45 -28.64 32.72
C LEU C 77 -4.74 -28.03 32.17
N GLY C 78 -5.27 -28.63 31.11
CA GLY C 78 -6.43 -28.07 30.44
C GLY C 78 -6.15 -27.10 29.30
N TYR C 79 -4.90 -26.69 29.11
CA TYR C 79 -4.51 -25.76 28.05
C TYR C 79 -3.51 -26.40 27.11
N ASP C 80 -3.45 -25.88 25.89
CA ASP C 80 -2.54 -26.39 24.88
C ASP C 80 -1.78 -25.23 24.24
N MET C 81 -0.50 -25.46 23.91
CA MET C 81 0.30 -24.46 23.20
C MET C 81 -0.13 -24.40 21.74
N VAL C 82 -0.74 -23.29 21.32
CA VAL C 82 -1.21 -23.10 19.95
C VAL C 82 -0.72 -21.74 19.46
N ASN C 83 0.16 -21.73 18.47
CA ASN C 83 0.71 -20.47 17.95
C ASN C 83 1.34 -19.63 19.06
N ASN C 84 2.12 -20.30 19.91
CA ASN C 84 2.89 -19.72 21.00
C ASN C 84 2.02 -19.22 22.15
N VAL C 85 0.74 -19.58 22.19
CA VAL C 85 -0.17 -19.13 23.23
C VAL C 85 -0.89 -20.33 23.84
N CYS C 86 -1.04 -20.34 25.17
CA CYS C 86 -1.80 -21.39 25.83
C CYS C 86 -3.27 -21.05 25.71
N ILE C 87 -4.04 -21.92 25.08
CA ILE C 87 -5.48 -21.72 24.99
C ILE C 87 -6.16 -22.98 25.51
N PRO C 88 -7.41 -22.87 25.99
CA PRO C 88 -8.15 -24.07 26.42
C PRO C 88 -8.12 -25.13 25.34
N ASN C 89 -7.93 -26.38 25.76
CA ASN C 89 -7.84 -27.50 24.82
C ASN C 89 -8.96 -27.48 23.79
N GLU C 90 -10.19 -27.24 24.24
CA GLU C 90 -11.36 -27.32 23.39
C GLU C 90 -11.47 -26.15 22.42
N CYS C 91 -10.58 -25.16 22.50
CA CYS C 91 -10.57 -24.06 21.55
C CYS C 91 -9.56 -24.25 20.43
N LYS C 92 -8.83 -25.39 20.42
CA LYS C 92 -7.70 -25.58 19.51
C LYS C 92 -8.09 -25.39 18.04
N GLN C 93 -9.22 -25.94 17.61
CA GLN C 93 -9.56 -25.86 16.19
C GLN C 93 -10.65 -24.82 15.90
N VAL C 94 -10.87 -23.87 16.78
CA VAL C 94 -11.97 -22.93 16.62
C VAL C 94 -11.42 -21.61 16.10
N THR C 95 -12.09 -21.03 15.12
CA THR C 95 -11.79 -19.70 14.63
C THR C 95 -13.04 -18.85 14.74
N CYS C 96 -12.89 -17.63 15.25
CA CYS C 96 -14.04 -16.83 15.63
C CYS C 96 -14.19 -15.54 14.83
N GLY C 97 -13.17 -15.11 14.10
CA GLY C 97 -13.28 -13.85 13.39
C GLY C 97 -13.09 -12.67 14.32
N ASN C 98 -14.11 -11.83 14.48
CA ASN C 98 -13.97 -10.62 15.31
C ASN C 98 -14.21 -10.95 16.78
N GLY C 99 -13.32 -11.76 17.34
CA GLY C 99 -13.46 -12.13 18.73
C GLY C 99 -12.49 -13.23 19.08
N LYS C 100 -12.89 -14.07 20.03
CA LYS C 100 -11.99 -15.11 20.50
C LYS C 100 -12.82 -16.30 20.97
N CYS C 101 -12.16 -17.45 21.05
CA CYS C 101 -12.82 -18.66 21.52
C CYS C 101 -12.70 -18.73 23.03
N ILE C 102 -13.81 -19.08 23.68
CA ILE C 102 -13.86 -19.32 25.12
C ILE C 102 -14.62 -20.63 25.33
N LEU C 103 -14.50 -21.17 26.54
CA LEU C 103 -15.29 -22.33 26.90
C LEU C 103 -16.71 -21.90 27.24
N ASP C 104 -17.70 -22.67 26.77
CA ASP C 104 -19.11 -22.33 27.00
C ASP C 104 -19.48 -22.67 28.45
N THR C 105 -19.72 -21.64 29.26
CA THR C 105 -20.04 -21.89 30.68
C THR C 105 -21.40 -22.55 30.87
N SER C 106 -22.28 -22.50 29.88
CA SER C 106 -23.57 -23.16 30.00
C SER C 106 -23.51 -24.64 29.70
N ASN C 107 -22.43 -25.11 29.08
CA ASN C 107 -22.32 -26.49 28.65
C ASN C 107 -21.48 -27.26 29.65
N PRO C 108 -22.03 -28.26 30.33
CA PRO C 108 -21.21 -29.09 31.22
C PRO C 108 -20.04 -29.75 30.51
N VAL C 109 -20.18 -30.04 29.22
CA VAL C 109 -19.11 -30.62 28.42
C VAL C 109 -18.27 -29.46 27.87
N LYS C 110 -16.99 -29.43 28.19
CA LYS C 110 -16.12 -28.36 27.73
C LYS C 110 -16.19 -28.25 26.21
N THR C 111 -16.57 -27.06 25.73
CA THR C 111 -16.86 -26.81 24.32
C THR C 111 -16.47 -25.38 24.00
N GLY C 112 -15.71 -25.19 22.92
CA GLY C 112 -15.32 -23.85 22.53
C GLY C 112 -16.43 -23.18 21.76
N VAL C 113 -16.71 -21.92 22.12
CA VAL C 113 -17.69 -21.06 21.46
C VAL C 113 -17.04 -19.71 21.29
N CYS C 114 -17.62 -18.89 20.42
CA CYS C 114 -17.07 -17.57 20.15
C CYS C 114 -17.67 -16.53 21.09
N SER C 115 -16.80 -15.66 21.58
CA SER C 115 -17.19 -14.44 22.27
C SER C 115 -16.60 -13.28 21.48
N CYS C 116 -17.39 -12.24 21.24
CA CYS C 116 -17.14 -11.29 20.16
C CYS C 116 -16.69 -9.91 20.64
N ASN C 117 -15.91 -9.24 19.78
CA ASN C 117 -15.61 -7.83 19.98
C ASN C 117 -16.88 -7.01 20.08
N ILE C 118 -16.87 -6.04 20.99
CA ILE C 118 -18.06 -5.22 21.24
C ILE C 118 -18.52 -4.62 19.92
N GLY C 119 -19.82 -4.78 19.61
CA GLY C 119 -20.40 -4.39 18.34
C GLY C 119 -20.65 -5.56 17.42
N LYS C 120 -20.11 -6.73 17.74
CA LYS C 120 -20.41 -7.97 17.05
C LYS C 120 -21.02 -8.96 18.02
N VAL C 121 -21.81 -9.89 17.48
CA VAL C 121 -22.36 -10.99 18.28
C VAL C 121 -22.29 -12.24 17.43
N PRO C 122 -22.45 -13.41 18.06
CA PRO C 122 -22.39 -14.66 17.29
C PRO C 122 -23.45 -14.69 16.19
N ASN C 123 -23.04 -15.11 15.02
CA ASN C 123 -23.89 -15.00 13.83
C ASN C 123 -24.44 -16.37 13.47
N VAL C 124 -25.73 -16.58 13.76
CA VAL C 124 -26.34 -17.88 13.53
C VAL C 124 -26.34 -18.24 12.05
N GLN C 125 -26.21 -17.25 11.15
CA GLN C 125 -26.04 -17.46 9.72
C GLN C 125 -24.59 -17.77 9.31
N ASP C 126 -23.65 -17.77 10.24
CA ASP C 126 -22.23 -17.95 9.95
C ASP C 126 -21.61 -18.83 11.03
N GLN C 127 -22.29 -19.93 11.36
CA GLN C 127 -21.82 -20.93 12.35
C GLN C 127 -21.40 -20.29 13.66
N ASN C 128 -22.14 -19.26 14.06
CA ASN C 128 -21.95 -18.59 15.33
C ASN C 128 -20.57 -17.96 15.47
N LYS C 129 -19.95 -17.55 14.37
CA LYS C 129 -18.74 -16.73 14.44
C LYS C 129 -19.13 -15.27 14.62
N CYS C 130 -18.13 -14.43 14.94
CA CYS C 130 -18.39 -13.06 15.37
C CYS C 130 -18.55 -12.13 14.16
N SER C 131 -19.57 -12.42 13.35
CA SER C 131 -19.72 -11.68 12.10
C SER C 131 -21.08 -10.98 11.98
N LYS C 132 -21.90 -10.98 13.02
CA LYS C 132 -23.18 -10.28 13.02
C LYS C 132 -23.06 -9.00 13.85
N ASP C 133 -23.54 -7.88 13.33
CA ASP C 133 -23.59 -6.68 14.14
C ASP C 133 -24.61 -6.84 15.26
N GLY C 134 -24.23 -6.47 16.47
CA GLY C 134 -25.20 -6.47 17.55
C GLY C 134 -24.61 -5.88 18.80
N GLU C 135 -25.44 -5.35 19.69
CA GLU C 135 -24.92 -4.58 20.81
C GLU C 135 -24.80 -5.43 22.06
N THR C 136 -23.85 -5.05 22.92
CA THR C 136 -23.64 -5.67 24.22
C THR C 136 -23.70 -4.58 25.27
N LYS C 137 -24.56 -4.74 26.26
CA LYS C 137 -24.60 -3.77 27.35
C LYS C 137 -23.38 -3.98 28.24
N CYS C 138 -22.69 -2.89 28.59
CA CYS C 138 -21.60 -3.01 29.56
C CYS C 138 -22.16 -3.36 30.93
N SER C 139 -21.54 -4.35 31.57
CA SER C 139 -21.88 -4.85 32.91
C SER C 139 -20.86 -4.48 33.98
N LEU C 140 -19.75 -3.88 33.62
CA LEU C 140 -18.63 -3.71 34.55
C LEU C 140 -19.04 -2.79 35.70
N LYS C 141 -18.57 -3.12 36.91
CA LYS C 141 -18.70 -2.30 38.09
C LYS C 141 -17.39 -1.54 38.21
N CYS C 142 -17.39 -0.25 37.86
CA CYS C 142 -16.16 0.52 37.84
C CYS C 142 -16.11 1.25 39.17
N LEU C 143 -15.34 0.70 40.12
CA LEU C 143 -15.46 1.12 41.51
C LEU C 143 -15.09 2.58 41.71
N LYS C 144 -14.09 3.07 40.99
CA LYS C 144 -13.59 4.42 41.24
C LYS C 144 -14.61 5.45 40.78
N GLU C 145 -14.92 6.42 41.65
CA GLU C 145 -15.94 7.39 41.27
C GLU C 145 -15.55 8.13 40.01
N GLN C 146 -14.26 8.29 39.74
CA GLN C 146 -13.76 9.00 38.57
C GLN C 146 -13.72 8.13 37.32
N GLU C 147 -14.07 6.85 37.43
CA GLU C 147 -13.99 5.95 36.30
C GLU C 147 -15.38 5.47 35.90
N THR C 148 -15.46 4.99 34.67
CA THR C 148 -16.71 4.52 34.11
C THR C 148 -16.36 3.49 33.06
N CYS C 149 -17.36 2.74 32.64
CA CYS C 149 -17.14 1.75 31.61
C CYS C 149 -16.97 2.44 30.25
N LYS C 150 -15.91 2.08 29.52
CA LYS C 150 -15.61 2.67 28.21
C LYS C 150 -15.35 1.57 27.21
N ALA C 151 -15.69 1.84 25.94
CA ALA C 151 -15.43 0.89 24.87
C ALA C 151 -14.17 1.31 24.12
N VAL C 152 -13.22 0.39 23.98
CA VAL C 152 -12.05 0.65 23.13
C VAL C 152 -11.60 -0.66 22.51
N ASP C 153 -11.27 -0.63 21.21
CA ASP C 153 -10.62 -1.76 20.55
C ASP C 153 -11.39 -3.07 20.74
N GLY C 154 -12.72 -3.00 20.68
CA GLY C 154 -13.56 -4.17 20.76
C GLY C 154 -13.80 -4.71 22.16
N ILE C 155 -13.34 -4.04 23.21
CA ILE C 155 -13.63 -4.51 24.57
C ILE C 155 -14.26 -3.35 25.33
N TYR C 156 -14.92 -3.67 26.46
CA TYR C 156 -15.22 -2.69 27.48
C TYR C 156 -14.20 -2.81 28.62
N LYS C 157 -13.81 -1.67 29.18
CA LYS C 157 -12.99 -1.67 30.40
C LYS C 157 -13.32 -0.42 31.20
N CYS C 158 -12.91 -0.40 32.46
CA CYS C 158 -13.05 0.80 33.28
C CYS C 158 -11.95 1.78 32.91
N ASP C 159 -12.32 3.05 32.73
CA ASP C 159 -11.33 4.07 32.45
C ASP C 159 -11.88 5.42 32.90
N CYS C 160 -11.00 6.42 32.91
CA CYS C 160 -11.37 7.77 33.36
C CYS C 160 -12.54 8.33 32.55
N LYS C 161 -13.45 9.00 33.24
CA LYS C 161 -14.64 9.62 32.63
C LYS C 161 -14.32 10.74 31.63
#